data_2WHY
#
_entry.id   2WHY
#
_cell.length_a   39.530
_cell.length_b   63.140
_cell.length_c   55.530
_cell.angle_alpha   90.00
_cell.angle_beta   110.44
_cell.angle_gamma   90.00
#
_symmetry.space_group_name_H-M   'P 1 21 1'
#
loop_
_entity.id
_entity.type
_entity.pdbx_description
1 polymer 'Iron-uptake system-binding protein'
2 polymer BACILLIBACTIN
3 non-polymer 'CHLORIDE ION'
4 non-polymer 'FE (III) ION'
5 water water
#
loop_
_entity_poly.entity_id
_entity_poly.type
_entity_poly.pdbx_seq_one_letter_code
_entity_poly.pdbx_strand_id
1 'polypeptide(L)'
;MGSKNESTASKASGTASEKKKIEYLDKTYEVTVPTDKIAITGSVESMEDAKLLDVHPQGAISFSGKFPDMFKDITDKAEP
TGEKMEPNIEKILEMKPDVILASTKFPEKTLQKISTAGTTIPVSHISSNWKENMMLLAQLTGKEKKAKKIIADYEQDLKE
TKTKINDKAKDSKALVIRIRQGNIYIYPEQVYFNSTLYGDLGLKAPNEVKAAKAQELISLEKLSEMNPDHIFVQFSDDEN
ADKPDALKDLEKNPIWKSLKAVKEDHVYVNSVDPLAQGGTAWSKVRFLKAAAEKLTQNKLAAALEHHHHHH
;
A
2 'polypeptide(L)' (DBH)GT(DBH)GT(DBH)GT B
#
loop_
_chem_comp.id
_chem_comp.type
_chem_comp.name
_chem_comp.formula
CL non-polymer 'CHLORIDE ION' 'Cl -1'
DBH non-polymer '2,3-DIHYDROXY-BENZOIC ACID' 'C7 H6 O4'
FE non-polymer 'FE (III) ION' 'Fe 3'
#
# COMPACT_ATOMS: atom_id res chain seq x y z
N LYS A 19 5.83 -13.18 28.09
CA LYS A 19 5.23 -12.31 27.04
C LYS A 19 4.91 -10.92 27.58
N LYS A 20 4.76 -9.97 26.65
CA LYS A 20 4.56 -8.56 26.99
C LYS A 20 3.32 -8.00 26.29
N LYS A 21 2.61 -7.12 26.99
CA LYS A 21 1.39 -6.49 26.46
C LYS A 21 1.76 -5.46 25.41
N ILE A 22 1.26 -5.66 24.20
CA ILE A 22 1.48 -4.75 23.08
C ILE A 22 0.12 -4.18 22.69
N GLU A 23 0.01 -2.85 22.66
CA GLU A 23 -1.23 -2.22 22.28
C GLU A 23 -1.16 -1.82 20.82
N TYR A 24 -2.22 -2.11 20.08
CA TYR A 24 -2.29 -1.78 18.67
C TYR A 24 -3.72 -1.49 18.26
N LEU A 25 -4.02 -0.23 17.95
CA LEU A 25 -5.36 0.20 17.52
C LEU A 25 -6.44 -0.30 18.48
N ASP A 26 -6.40 0.19 19.72
CA ASP A 26 -7.35 -0.19 20.79
C ASP A 26 -7.56 -1.70 21.01
N LYS A 27 -6.57 -2.52 20.61
CA LYS A 27 -6.53 -3.94 20.96
C LYS A 27 -5.20 -4.24 21.65
N THR A 28 -5.20 -5.21 22.57
CA THR A 28 -3.98 -5.62 23.28
C THR A 28 -3.62 -7.06 22.94
N TYR A 29 -2.34 -7.28 22.62
CA TYR A 29 -1.82 -8.61 22.34
C TYR A 29 -0.62 -8.91 23.24
N GLU A 30 -0.61 -10.09 23.84
CA GLU A 30 0.55 -10.58 24.58
C GLU A 30 1.48 -11.31 23.61
N VAL A 31 2.71 -10.80 23.49
CA VAL A 31 3.69 -11.38 22.57
C VAL A 31 5.06 -11.35 23.23
N THR A 32 5.86 -12.39 22.97
CA THR A 32 7.25 -12.43 23.39
C THR A 32 8.05 -11.43 22.57
N VAL A 33 8.59 -10.40 23.24
CA VAL A 33 9.28 -9.29 22.58
C VAL A 33 10.56 -8.87 23.31
N PRO A 34 11.61 -8.49 22.56
CA PRO A 34 11.67 -8.41 21.12
C PRO A 34 11.79 -9.81 20.51
N THR A 35 11.29 -9.97 19.29
CA THR A 35 11.39 -11.23 18.59
C THR A 35 11.75 -10.98 17.12
N ASP A 36 12.36 -12.01 16.53
CA ASP A 36 12.51 -12.10 15.08
C ASP A 36 11.58 -13.20 14.51
N LYS A 37 10.94 -13.98 15.37
CA LYS A 37 10.02 -15.04 14.94
C LYS A 37 8.67 -14.43 14.53
N ILE A 38 8.72 -13.68 13.44
CA ILE A 38 7.57 -12.97 12.91
C ILE A 38 7.20 -13.56 11.55
N ALA A 39 5.94 -13.97 11.41
CA ALA A 39 5.41 -14.44 10.13
C ALA A 39 4.45 -13.41 9.59
N ILE A 40 4.73 -12.90 8.39
CA ILE A 40 3.88 -11.93 7.74
C ILE A 40 3.06 -12.58 6.64
N THR A 41 1.73 -12.44 6.73
CA THR A 41 0.83 -12.94 5.69
C THR A 41 -0.22 -11.87 5.42
N GLY A 42 -0.56 -11.68 4.15
CA GLY A 42 -1.51 -10.64 3.76
C GLY A 42 -1.07 -9.18 3.91
N SER A 43 -0.34 -8.87 4.99
CA SER A 43 0.12 -7.50 5.22
C SER A 43 1.39 -7.16 4.46
N VAL A 44 1.22 -6.76 3.20
CA VAL A 44 2.33 -6.19 2.45
C VAL A 44 2.78 -4.89 3.15
N GLU A 45 1.85 -4.23 3.83
CA GLU A 45 2.23 -3.07 4.64
C GLU A 45 3.40 -3.38 5.58
N SER A 46 3.29 -4.51 6.29
CA SER A 46 4.30 -4.89 7.26
C SER A 46 5.62 -5.27 6.59
N MET A 47 5.58 -5.78 5.36
CA MET A 47 6.80 -6.01 4.58
CA MET A 47 6.82 -6.01 4.65
C MET A 47 7.50 -4.68 4.32
N GLU A 48 6.71 -3.66 3.95
CA GLU A 48 7.28 -2.34 3.68
C GLU A 48 7.84 -1.70 4.96
N ASP A 49 7.19 -1.95 6.09
CA ASP A 49 7.70 -1.47 7.39
C ASP A 49 8.99 -2.22 7.78
N ALA A 50 8.98 -3.53 7.59
CA ALA A 50 10.17 -4.37 7.78
C ALA A 50 11.35 -3.88 6.94
N LYS A 51 11.10 -3.48 5.68
CA LYS A 51 12.20 -3.02 4.85
C LYS A 51 12.90 -1.81 5.47
N LEU A 52 12.14 -0.79 5.88
CA LEU A 52 12.77 0.41 6.46
C LEU A 52 13.34 0.18 7.85
N LEU A 53 12.70 -0.69 8.65
CA LEU A 53 13.20 -0.99 10.01
C LEU A 53 14.34 -2.02 10.02
N ASP A 54 14.60 -2.62 8.86
CA ASP A 54 15.57 -3.72 8.71
C ASP A 54 15.22 -4.88 9.63
N VAL A 55 13.96 -5.28 9.57
CA VAL A 55 13.47 -6.46 10.27
C VAL A 55 13.46 -7.59 9.26
N HIS A 56 14.11 -8.70 9.62
CA HIS A 56 14.21 -9.87 8.76
C HIS A 56 13.26 -10.94 9.28
N PRO A 57 12.02 -10.97 8.76
CA PRO A 57 11.05 -11.89 9.36
C PRO A 57 11.33 -13.37 9.05
N GLN A 58 10.82 -14.22 9.93
CA GLN A 58 10.86 -15.66 9.74
C GLN A 58 10.01 -16.09 8.53
N GLY A 59 8.85 -15.46 8.39
CA GLY A 59 7.93 -15.74 7.28
C GLY A 59 7.55 -14.46 6.57
N ALA A 60 7.59 -14.50 5.24
CA ALA A 60 7.21 -13.34 4.43
C ALA A 60 6.33 -13.72 3.23
N ILE A 61 5.66 -12.72 2.69
CA ILE A 61 4.75 -12.90 1.57
C ILE A 61 5.52 -13.09 0.26
N SER A 62 5.10 -14.08 -0.53
CA SER A 62 5.66 -14.28 -1.85
C SER A 62 4.78 -13.59 -2.86
N PHE A 63 5.37 -13.17 -3.96
CA PHE A 63 4.66 -12.54 -5.06
C PHE A 63 4.98 -13.33 -6.33
N SER A 64 3.98 -14.06 -6.81
CA SER A 64 4.17 -15.04 -7.88
C SER A 64 5.33 -16.00 -7.58
N GLY A 65 5.36 -16.46 -6.34
CA GLY A 65 6.32 -17.46 -5.91
C GLY A 65 7.72 -16.96 -5.65
N LYS A 66 7.94 -15.65 -5.72
CA LYS A 66 9.26 -15.10 -5.40
C LYS A 66 9.19 -13.88 -4.48
N PHE A 67 10.35 -13.51 -3.95
CA PHE A 67 10.48 -12.27 -3.19
C PHE A 67 11.00 -11.20 -4.13
N PRO A 68 10.23 -10.14 -4.35
CA PRO A 68 10.67 -9.05 -5.24
C PRO A 68 12.05 -8.48 -4.86
N ASP A 69 12.83 -8.04 -5.85
CA ASP A 69 14.15 -7.45 -5.60
C ASP A 69 14.13 -6.44 -4.46
N MET A 70 13.08 -5.62 -4.42
CA MET A 70 13.02 -4.56 -3.41
C MET A 70 12.93 -5.05 -1.96
N PHE A 71 12.54 -6.32 -1.74
CA PHE A 71 12.48 -6.90 -0.41
C PHE A 71 13.62 -7.89 -0.12
N LYS A 72 14.48 -8.18 -1.10
CA LYS A 72 15.47 -9.25 -0.90
C LYS A 72 16.40 -9.05 0.28
N ASP A 73 16.61 -7.80 0.67
CA ASP A 73 17.45 -7.48 1.84
C ASP A 73 16.85 -7.88 3.18
N ILE A 74 15.52 -8.03 3.23
CA ILE A 74 14.88 -8.50 4.47
C ILE A 74 14.23 -9.89 4.40
N THR A 75 14.24 -10.52 3.22
CA THR A 75 13.70 -11.89 3.07
C THR A 75 14.81 -12.94 3.03
N ASP A 76 16.04 -12.52 3.32
CA ASP A 76 17.19 -13.42 3.30
C ASP A 76 17.07 -14.57 4.30
N LYS A 77 16.39 -14.33 5.42
CA LYS A 77 16.17 -15.35 6.45
C LYS A 77 14.76 -15.95 6.43
N ALA A 78 13.95 -15.58 5.44
CA ALA A 78 12.51 -15.90 5.47
C ALA A 78 12.13 -17.11 4.62
N GLU A 79 11.10 -17.82 5.06
CA GLU A 79 10.36 -18.76 4.23
C GLU A 79 9.06 -18.09 3.79
N PRO A 80 8.55 -18.40 2.58
CA PRO A 80 7.28 -17.82 2.17
C PRO A 80 6.08 -18.30 3.00
N THR A 81 5.24 -17.37 3.42
CA THR A 81 3.98 -17.73 4.08
C THR A 81 2.90 -18.09 3.06
N GLY A 82 3.17 -17.79 1.80
CA GLY A 82 2.22 -17.96 0.71
C GLY A 82 2.10 -16.67 -0.07
N GLU A 83 1.26 -16.69 -1.10
CA GLU A 83 0.91 -15.47 -1.79
C GLU A 83 0.12 -14.59 -0.82
N LYS A 84 0.03 -13.31 -1.15
CA LYS A 84 -0.55 -12.32 -0.25
C LYS A 84 -1.87 -12.78 0.38
N MET A 85 -2.79 -13.22 -0.46
N MET A 85 -2.80 -13.20 -0.46
CA MET A 85 -4.15 -13.56 -0.07
CA MET A 85 -4.16 -13.51 -0.05
C MET A 85 -4.35 -15.00 0.33
C MET A 85 -4.39 -15.02 0.14
N GLU A 86 -3.32 -15.81 0.13
CA GLU A 86 -3.42 -17.26 0.23
C GLU A 86 -2.40 -17.82 1.22
N PRO A 87 -2.58 -17.53 2.52
CA PRO A 87 -1.63 -18.03 3.51
C PRO A 87 -1.57 -19.57 3.50
N ASN A 88 -0.36 -20.11 3.54
CA ASN A 88 -0.17 -21.55 3.71
C ASN A 88 -0.13 -21.86 5.20
N ILE A 89 -1.29 -22.20 5.75
CA ILE A 89 -1.42 -22.37 7.20
C ILE A 89 -0.49 -23.47 7.73
N GLU A 90 -0.29 -24.51 6.92
CA GLU A 90 0.60 -25.62 7.27
C GLU A 90 2.05 -25.14 7.41
N LYS A 91 2.47 -24.28 6.50
CA LYS A 91 3.80 -23.68 6.55
C LYS A 91 3.94 -22.79 7.78
N ILE A 92 2.93 -21.95 8.02
CA ILE A 92 2.95 -21.02 9.16
C ILE A 92 2.99 -21.80 10.49
N LEU A 93 2.26 -22.91 10.56
CA LEU A 93 2.32 -23.84 11.70
C LEU A 93 3.73 -24.40 11.89
N GLU A 94 4.30 -24.88 10.78
CA GLU A 94 5.69 -25.34 10.74
C GLU A 94 6.67 -24.36 11.41
N MET A 95 6.44 -23.07 11.20
CA MET A 95 7.30 -22.00 11.73
C MET A 95 7.15 -21.76 13.23
N LYS A 96 5.96 -22.01 13.79
CA LYS A 96 5.67 -21.68 15.19
C LYS A 96 6.16 -20.26 15.54
N PRO A 97 5.57 -19.24 14.88
CA PRO A 97 6.02 -17.87 15.11
C PRO A 97 5.55 -17.34 16.45
N ASP A 98 6.30 -16.38 17.01
CA ASP A 98 5.87 -15.68 18.23
C ASP A 98 4.68 -14.79 17.92
N VAL A 99 4.63 -14.29 16.69
CA VAL A 99 3.55 -13.43 16.26
C VAL A 99 3.35 -13.52 14.75
N ILE A 100 2.09 -13.49 14.34
CA ILE A 100 1.75 -13.47 12.92
C ILE A 100 1.16 -12.11 12.59
N LEU A 101 1.75 -11.42 11.63
CA LEU A 101 1.23 -10.14 11.20
C LEU A 101 0.35 -10.40 10.01
N ALA A 102 -0.95 -10.37 10.26
CA ALA A 102 -1.96 -10.60 9.25
C ALA A 102 -2.45 -9.25 8.70
N SER A 103 -3.56 -9.26 7.97
CA SER A 103 -4.11 -8.05 7.39
C SER A 103 -5.59 -7.92 7.74
N THR A 104 -6.02 -6.68 7.90
CA THR A 104 -7.43 -6.38 8.09
C THR A 104 -8.26 -6.64 6.83
N LYS A 105 -7.59 -6.92 5.72
CA LYS A 105 -8.28 -7.14 4.44
C LYS A 105 -8.70 -8.59 4.22
N PHE A 106 -8.26 -9.49 5.09
CA PHE A 106 -8.67 -10.89 5.01
C PHE A 106 -10.13 -11.03 5.42
N PRO A 107 -10.84 -11.98 4.80
CA PRO A 107 -12.10 -12.44 5.36
C PRO A 107 -11.91 -12.88 6.81
N GLU A 108 -12.89 -12.59 7.65
CA GLU A 108 -12.79 -12.89 9.07
C GLU A 108 -12.51 -14.37 9.31
N LYS A 109 -13.17 -15.25 8.53
CA LYS A 109 -12.96 -16.69 8.69
C LYS A 109 -11.50 -17.08 8.41
N THR A 110 -10.91 -16.42 7.43
CA THR A 110 -9.50 -16.65 7.08
C THR A 110 -8.55 -16.16 8.19
N LEU A 111 -8.87 -15.03 8.81
CA LEU A 111 -8.10 -14.60 10.00
C LEU A 111 -8.19 -15.62 11.13
N GLN A 112 -9.39 -16.15 11.36
CA GLN A 112 -9.57 -17.17 12.39
C GLN A 112 -8.68 -18.39 12.10
N LYS A 113 -8.60 -18.81 10.84
CA LYS A 113 -7.78 -19.99 10.49
C LYS A 113 -6.32 -19.70 10.71
N ILE A 114 -5.88 -18.51 10.29
CA ILE A 114 -4.53 -18.07 10.51
C ILE A 114 -4.19 -18.12 12.01
N SER A 115 -5.12 -17.71 12.85
CA SER A 115 -4.87 -17.64 14.29
C SER A 115 -4.65 -19.00 14.97
N THR A 116 -4.95 -20.09 14.27
CA THR A 116 -4.62 -21.43 14.77
C THR A 116 -3.10 -21.69 14.80
N ALA A 117 -2.35 -20.94 14.01
CA ALA A 117 -0.90 -21.10 13.94
C ALA A 117 -0.14 -20.15 14.87
N GLY A 118 -0.85 -19.26 15.56
CA GLY A 118 -0.22 -18.40 16.57
C GLY A 118 -0.91 -17.06 16.81
N THR A 119 -0.34 -16.28 17.71
CA THR A 119 -0.86 -14.95 18.05
C THR A 119 -0.90 -14.13 16.77
N THR A 120 -2.09 -13.66 16.40
CA THR A 120 -2.30 -13.01 15.11
C THR A 120 -2.80 -11.60 15.26
N ILE A 121 -2.08 -10.65 14.64
CA ILE A 121 -2.46 -9.25 14.68
C ILE A 121 -2.81 -8.79 13.27
N PRO A 122 -4.09 -8.45 13.02
CA PRO A 122 -4.45 -7.92 11.71
C PRO A 122 -3.99 -6.47 11.56
N VAL A 123 -2.99 -6.29 10.71
CA VAL A 123 -2.44 -4.97 10.46
C VAL A 123 -3.33 -4.17 9.49
N SER A 124 -3.63 -2.94 9.90
CA SER A 124 -4.58 -2.08 9.19
C SER A 124 -4.13 -1.61 7.80
N HIS A 125 -5.07 -1.70 6.85
CA HIS A 125 -4.87 -1.18 5.49
C HIS A 125 -5.36 0.26 5.36
N ILE A 126 -5.80 0.85 6.47
CA ILE A 126 -6.21 2.23 6.46
C ILE A 126 -4.94 3.07 6.60
N SER A 127 -4.63 3.85 5.56
CA SER A 127 -3.35 4.54 5.47
C SER A 127 -3.07 5.55 6.56
N SER A 128 -4.12 6.10 7.15
CA SER A 128 -3.95 6.99 8.28
C SER A 128 -3.35 6.27 9.50
N ASN A 129 -3.30 4.94 9.47
CA ASN A 129 -2.70 4.15 10.55
C ASN A 129 -1.24 3.78 10.29
N TRP A 130 -0.62 4.44 9.31
CA TRP A 130 0.77 4.12 8.96
C TRP A 130 1.73 4.21 10.13
N LYS A 131 1.57 5.20 11.00
CA LYS A 131 2.49 5.36 12.15
C LYS A 131 2.30 4.21 13.14
N GLU A 132 1.04 3.88 13.43
CA GLU A 132 0.72 2.81 14.37
C GLU A 132 1.23 1.46 13.86
N ASN A 133 1.16 1.24 12.55
CA ASN A 133 1.64 0.02 11.93
C ASN A 133 3.15 -0.12 12.08
N MET A 134 3.86 0.98 11.83
CA MET A 134 5.31 1.01 11.95
CA MET A 134 5.32 0.95 11.94
C MET A 134 5.73 0.78 13.41
N MET A 135 5.05 1.46 14.32
CA MET A 135 5.39 1.35 15.74
C MET A 135 5.07 -0.05 16.27
N LEU A 136 4.06 -0.70 15.71
CA LEU A 136 3.77 -2.09 16.05
C LEU A 136 4.98 -2.97 15.75
N LEU A 137 5.46 -2.93 14.51
CA LEU A 137 6.61 -3.74 14.16
C LEU A 137 7.82 -3.35 14.99
N ALA A 138 7.96 -2.05 15.27
CA ALA A 138 9.07 -1.55 16.08
C ALA A 138 9.02 -2.07 17.52
N GLN A 139 7.84 -2.05 18.12
CA GLN A 139 7.67 -2.61 19.47
C GLN A 139 7.97 -4.11 19.50
N LEU A 140 7.60 -4.82 18.44
CA LEU A 140 7.84 -6.27 18.37
C LEU A 140 9.33 -6.59 18.27
N THR A 141 10.12 -5.67 17.72
CA THR A 141 11.52 -5.95 17.40
C THR A 141 12.55 -5.11 18.17
N GLY A 142 12.07 -4.23 19.06
CA GLY A 142 12.93 -3.33 19.82
C GLY A 142 13.53 -2.18 19.04
N LYS A 143 12.79 -1.67 18.05
CA LYS A 143 13.33 -0.65 17.14
C LYS A 143 12.51 0.62 17.13
N GLU A 144 11.97 0.97 18.29
CA GLU A 144 11.15 2.16 18.46
C GLU A 144 11.89 3.45 18.05
N LYS A 145 13.16 3.58 18.48
CA LYS A 145 13.94 4.77 18.16
C LYS A 145 14.07 4.93 16.65
N LYS A 146 14.39 3.84 15.97
CA LYS A 146 14.54 3.83 14.53
C LYS A 146 13.22 4.17 13.80
N ALA A 147 12.11 3.64 14.29
CA ALA A 147 10.80 3.94 13.72
C ALA A 147 10.47 5.42 13.87
N LYS A 148 10.70 5.96 15.05
CA LYS A 148 10.40 7.37 15.32
C LYS A 148 11.23 8.28 14.42
N LYS A 149 12.49 7.91 14.19
CA LYS A 149 13.35 8.66 13.27
C LYS A 149 12.80 8.63 11.85
N ILE A 150 12.34 7.46 11.43
CA ILE A 150 11.75 7.32 10.11
C ILE A 150 10.50 8.20 9.98
N ILE A 151 9.64 8.15 11.00
CA ILE A 151 8.40 8.91 10.97
C ILE A 151 8.71 10.41 10.93
N ALA A 152 9.64 10.83 11.79
CA ALA A 152 10.09 12.22 11.87
C ALA A 152 10.64 12.70 10.54
N ASP A 153 11.33 11.82 9.84
CA ASP A 153 11.96 12.18 8.58
C ASP A 153 10.92 12.32 7.48
N TYR A 154 9.90 11.47 7.50
CA TYR A 154 8.81 11.65 6.55
C TYR A 154 8.15 13.02 6.74
N GLU A 155 7.88 13.37 7.98
CA GLU A 155 7.18 14.61 8.29
C GLU A 155 8.01 15.81 7.86
N GLN A 156 9.32 15.77 8.10
CA GLN A 156 10.22 16.84 7.63
C GLN A 156 10.21 16.91 6.11
N ASP A 157 10.30 15.74 5.45
CA ASP A 157 10.24 15.65 3.99
C ASP A 157 8.95 16.27 3.45
N LEU A 158 7.83 15.96 4.12
CA LEU A 158 6.54 16.49 3.69
C LEU A 158 6.55 18.02 3.75
N LYS A 159 7.09 18.56 4.84
CA LYS A 159 7.12 20.02 5.03
C LYS A 159 7.89 20.71 3.91
N GLU A 160 9.04 20.15 3.55
CA GLU A 160 9.89 20.74 2.51
C GLU A 160 9.26 20.57 1.14
N THR A 161 8.65 19.41 0.92
CA THR A 161 8.13 19.05 -0.40
C THR A 161 6.93 19.89 -0.77
N LYS A 162 6.03 20.11 0.20
CA LYS A 162 4.83 20.92 0.00
C LYS A 162 5.18 22.28 -0.62
N THR A 163 6.30 22.84 -0.19
CA THR A 163 6.73 24.15 -0.66
C THR A 163 7.28 24.13 -2.09
N LYS A 164 7.72 22.96 -2.54
CA LYS A 164 8.27 22.80 -3.89
C LYS A 164 7.20 22.57 -4.96
N ILE A 165 5.94 22.35 -4.54
CA ILE A 165 4.85 22.08 -5.47
C ILE A 165 4.06 23.36 -5.67
N ASN A 166 3.94 23.80 -6.92
CA ASN A 166 3.24 25.04 -7.26
C ASN A 166 1.74 25.01 -6.91
N ASP A 167 1.18 26.20 -6.65
CA ASP A 167 -0.20 26.33 -6.17
C ASP A 167 -1.24 25.84 -7.18
N LYS A 168 -0.97 25.99 -8.47
CA LYS A 168 -1.86 25.46 -9.50
C LYS A 168 -1.94 23.95 -9.41
N ALA A 169 -0.80 23.29 -9.23
CA ALA A 169 -0.76 21.83 -9.06
C ALA A 169 -1.59 21.38 -7.88
N LYS A 170 -1.48 22.12 -6.78
CA LYS A 170 -2.22 21.79 -5.55
C LYS A 170 -3.72 21.99 -5.71
N ASP A 171 -4.14 22.77 -6.71
CA ASP A 171 -5.57 22.95 -6.99
C ASP A 171 -6.11 22.06 -8.10
N SER A 172 -5.29 21.18 -8.66
CA SER A 172 -5.71 20.33 -9.76
C SER A 172 -6.51 19.13 -9.27
N LYS A 173 -7.18 18.48 -10.21
CA LYS A 173 -7.96 17.26 -9.96
C LYS A 173 -7.08 16.06 -10.31
N ALA A 174 -6.67 15.32 -9.30
CA ALA A 174 -5.74 14.23 -9.48
C ALA A 174 -6.34 12.96 -8.88
N LEU A 175 -6.09 11.83 -9.55
CA LEU A 175 -6.64 10.55 -9.14
C LEU A 175 -5.56 9.49 -9.21
N VAL A 176 -5.59 8.56 -8.25
CA VAL A 176 -4.77 7.36 -8.29
C VAL A 176 -5.68 6.17 -8.60
N ILE A 177 -5.37 5.45 -9.68
CA ILE A 177 -6.07 4.20 -9.96
C ILE A 177 -5.11 3.03 -9.98
N ARG A 178 -5.61 1.86 -9.66
CA ARG A 178 -4.85 0.62 -9.77
C ARG A 178 -5.65 -0.33 -10.63
N ILE A 179 -4.97 -0.96 -11.58
CA ILE A 179 -5.62 -1.88 -12.51
C ILE A 179 -5.38 -3.31 -12.02
N ARG A 180 -6.46 -4.05 -11.80
CA ARG A 180 -6.41 -5.42 -11.30
C ARG A 180 -7.37 -6.27 -12.10
N GLN A 181 -6.87 -7.41 -12.57
CA GLN A 181 -7.58 -8.29 -13.51
C GLN A 181 -8.20 -7.51 -14.68
N GLY A 182 -7.49 -6.48 -15.12
CA GLY A 182 -7.93 -5.68 -16.25
C GLY A 182 -9.02 -4.66 -15.94
N ASN A 183 -9.38 -4.54 -14.65
CA ASN A 183 -10.39 -3.58 -14.22
C ASN A 183 -9.78 -2.43 -13.45
N ILE A 184 -10.46 -1.28 -13.45
CA ILE A 184 -9.94 -0.06 -12.84
C ILE A 184 -10.53 0.13 -11.44
N TYR A 185 -9.67 0.34 -10.44
CA TYR A 185 -10.08 0.52 -9.06
C TYR A 185 -9.66 1.86 -8.51
N ILE A 186 -10.56 2.49 -7.78
CA ILE A 186 -10.25 3.61 -6.91
C ILE A 186 -10.41 3.20 -5.45
N TYR A 187 -10.02 4.12 -4.56
CA TYR A 187 -9.91 3.84 -3.13
C TYR A 187 -10.43 5.02 -2.34
N PRO A 188 -10.87 4.77 -1.10
CA PRO A 188 -11.25 5.87 -0.21
C PRO A 188 -10.16 6.90 0.05
N GLU A 189 -10.58 8.06 0.58
CA GLU A 189 -9.65 9.16 0.82
C GLU A 189 -8.48 8.82 1.77
N GLN A 190 -8.69 7.91 2.71
CA GLN A 190 -7.68 7.55 3.73
C GLN A 190 -7.06 6.20 3.43
N VAL A 191 -7.21 5.72 2.20
CA VAL A 191 -6.72 4.39 1.82
C VAL A 191 -5.71 4.52 0.66
N TYR A 192 -4.80 3.56 0.56
CA TYR A 192 -3.81 3.54 -0.54
C TYR A 192 -2.99 4.83 -0.46
N PHE A 193 -2.63 5.39 -1.62
CA PHE A 193 -1.83 6.62 -1.68
C PHE A 193 -2.64 7.88 -1.42
N ASN A 194 -3.96 7.73 -1.27
CA ASN A 194 -4.84 8.91 -1.22
C ASN A 194 -4.64 9.79 0.00
N SER A 195 -4.24 9.16 1.10
CA SER A 195 -3.95 9.92 2.32
C SER A 195 -2.75 10.86 2.14
N THR A 196 -1.82 10.49 1.26
CA THR A 196 -0.68 11.36 0.93
C THR A 196 -1.09 12.42 -0.10
N LEU A 197 -1.77 12.00 -1.14
CA LEU A 197 -2.17 12.93 -2.22
C LEU A 197 -3.13 14.00 -1.74
N TYR A 198 -4.16 13.59 -1.02
CA TYR A 198 -5.21 14.54 -0.61
C TYR A 198 -4.94 15.05 0.78
N GLY A 199 -4.66 14.14 1.69
CA GLY A 199 -4.44 14.51 3.09
C GLY A 199 -3.17 15.30 3.29
N ASP A 200 -2.02 14.73 2.95
CA ASP A 200 -0.74 15.37 3.24
C ASP A 200 -0.43 16.53 2.31
N LEU A 201 -0.61 16.33 1.01
CA LEU A 201 -0.30 17.38 0.05
C LEU A 201 -1.42 18.41 -0.10
N GLY A 202 -2.62 18.06 0.34
CA GLY A 202 -3.74 18.97 0.34
C GLY A 202 -4.54 19.09 -0.95
N LEU A 203 -4.31 18.22 -1.94
CA LEU A 203 -5.15 18.25 -3.13
C LEU A 203 -6.56 17.82 -2.72
N LYS A 204 -7.55 18.24 -3.50
CA LYS A 204 -8.95 17.98 -3.19
C LYS A 204 -9.37 16.62 -3.76
N ALA A 205 -9.85 15.74 -2.88
CA ALA A 205 -10.32 14.43 -3.30
C ALA A 205 -11.56 14.57 -4.17
N PRO A 206 -11.56 13.91 -5.33
CA PRO A 206 -12.77 13.89 -6.15
C PRO A 206 -13.94 13.24 -5.40
N ASN A 207 -15.16 13.67 -5.70
CA ASN A 207 -16.33 13.10 -5.05
C ASN A 207 -16.39 11.56 -5.10
N GLU A 208 -15.91 10.97 -6.20
CA GLU A 208 -15.95 9.51 -6.35
C GLU A 208 -15.07 8.82 -5.30
N VAL A 209 -13.95 9.45 -4.95
CA VAL A 209 -13.06 8.97 -3.88
C VAL A 209 -13.70 9.21 -2.51
N LYS A 210 -14.29 10.38 -2.33
CA LYS A 210 -15.00 10.68 -1.09
C LYS A 210 -16.15 9.71 -0.85
N ALA A 211 -16.79 9.26 -1.92
CA ALA A 211 -17.92 8.34 -1.82
C ALA A 211 -17.52 6.88 -1.68
N ALA A 212 -16.25 6.56 -1.93
CA ALA A 212 -15.78 5.17 -1.87
C ALA A 212 -15.72 4.66 -0.44
N LYS A 213 -16.32 3.50 -0.21
CA LYS A 213 -16.37 2.87 1.11
C LYS A 213 -15.20 1.89 1.30
N ALA A 214 -14.72 1.35 0.18
CA ALA A 214 -13.55 0.49 0.17
C ALA A 214 -12.99 0.51 -1.24
N GLN A 215 -12.00 -0.34 -1.51
CA GLN A 215 -11.55 -0.55 -2.87
C GLN A 215 -12.79 -0.73 -3.75
N GLU A 216 -12.88 0.08 -4.81
CA GLU A 216 -14.09 0.22 -5.58
C GLU A 216 -13.81 0.26 -7.06
N LEU A 217 -14.58 -0.52 -7.81
N LEU A 217 -14.56 -0.54 -7.82
CA LEU A 217 -14.44 -0.55 -9.27
CA LEU A 217 -14.48 -0.52 -9.27
C LEU A 217 -15.03 0.74 -9.85
C LEU A 217 -14.97 0.85 -9.76
N ILE A 218 -14.29 1.38 -10.76
CA ILE A 218 -14.79 2.56 -11.48
C ILE A 218 -14.73 2.26 -12.95
N SER A 219 -15.77 2.64 -13.67
CA SER A 219 -15.78 2.42 -15.11
C SER A 219 -14.96 3.49 -15.80
N LEU A 220 -14.42 3.17 -16.96
N LEU A 220 -14.39 3.16 -16.96
CA LEU A 220 -13.76 4.18 -17.78
CA LEU A 220 -13.77 4.18 -17.82
C LEU A 220 -14.76 5.28 -18.15
C LEU A 220 -14.77 5.30 -18.09
N GLU A 221 -16.03 4.90 -18.28
CA GLU A 221 -17.09 5.84 -18.59
C GLU A 221 -17.23 6.90 -17.48
N LYS A 222 -17.26 6.46 -16.23
CA LYS A 222 -17.35 7.39 -15.11
C LYS A 222 -16.09 8.25 -15.04
N LEU A 223 -14.93 7.63 -15.27
CA LEU A 223 -13.67 8.36 -15.23
CA LEU A 223 -13.66 8.37 -15.24
C LEU A 223 -13.68 9.54 -16.21
N SER A 224 -14.28 9.32 -17.37
CA SER A 224 -14.33 10.35 -18.42
C SER A 224 -15.16 11.55 -18.03
N GLU A 225 -16.12 11.36 -17.12
CA GLU A 225 -16.89 12.45 -16.53
C GLU A 225 -16.11 13.17 -15.45
N MET A 226 -15.39 12.42 -14.61
CA MET A 226 -14.54 13.03 -13.61
C MET A 226 -13.49 13.91 -14.30
N ASN A 227 -12.94 13.40 -15.39
CA ASN A 227 -12.02 14.16 -16.24
C ASN A 227 -10.86 14.77 -15.45
N PRO A 228 -10.13 13.93 -14.71
CA PRO A 228 -9.03 14.48 -13.91
C PRO A 228 -7.92 15.10 -14.74
N ASP A 229 -7.21 16.05 -14.12
CA ASP A 229 -6.05 16.69 -14.73
C ASP A 229 -4.83 15.79 -14.72
N HIS A 230 -4.72 14.95 -13.70
CA HIS A 230 -3.58 14.05 -13.51
C HIS A 230 -4.10 12.70 -13.07
N ILE A 231 -3.50 11.64 -13.60
CA ILE A 231 -3.81 10.28 -13.16
C ILE A 231 -2.53 9.51 -12.93
N PHE A 232 -2.40 8.97 -11.71
CA PHE A 232 -1.35 8.02 -11.37
C PHE A 232 -1.97 6.63 -11.57
N VAL A 233 -1.42 5.87 -12.50
CA VAL A 233 -1.91 4.53 -12.84
C VAL A 233 -0.91 3.51 -12.30
N GLN A 234 -1.39 2.64 -11.44
CA GLN A 234 -0.56 1.59 -10.88
C GLN A 234 -0.99 0.26 -11.48
N PHE A 235 -0.03 -0.44 -12.06
CA PHE A 235 -0.29 -1.69 -12.81
C PHE A 235 0.79 -2.71 -12.53
N SER A 236 0.40 -3.77 -11.83
CA SER A 236 1.27 -4.91 -11.57
C SER A 236 0.96 -6.07 -12.53
N ASP A 237 1.97 -6.56 -13.24
CA ASP A 237 1.75 -7.69 -14.14
C ASP A 237 1.19 -8.85 -13.34
N ASP A 238 1.67 -9.01 -12.12
CA ASP A 238 1.27 -10.11 -11.22
C ASP A 238 -0.23 -10.10 -10.93
N GLU A 239 -0.83 -8.92 -10.86
CA GLU A 239 -2.24 -8.77 -10.53
C GLU A 239 -3.12 -8.67 -11.75
N ASN A 240 -2.53 -8.91 -12.93
CA ASN A 240 -3.24 -8.87 -14.19
C ASN A 240 -2.86 -10.01 -15.12
N ALA A 241 -2.57 -11.16 -14.54
CA ALA A 241 -2.26 -12.36 -15.31
C ALA A 241 -3.44 -12.77 -16.22
N ASP A 242 -4.66 -12.43 -15.83
CA ASP A 242 -5.86 -12.70 -16.64
C ASP A 242 -6.00 -11.75 -17.83
N LYS A 243 -5.44 -10.54 -17.72
CA LYS A 243 -5.53 -9.53 -18.76
C LYS A 243 -4.22 -8.75 -18.90
N PRO A 244 -3.16 -9.40 -19.44
CA PRO A 244 -1.81 -8.82 -19.44
C PRO A 244 -1.64 -7.53 -20.25
N ASP A 245 -2.43 -7.35 -21.30
CA ASP A 245 -2.35 -6.13 -22.12
C ASP A 245 -3.36 -5.06 -21.67
N ALA A 246 -3.95 -5.21 -20.48
CA ALA A 246 -4.97 -4.27 -19.97
C ALA A 246 -4.60 -2.81 -20.15
N LEU A 247 -3.33 -2.49 -19.88
CA LEU A 247 -2.87 -1.10 -19.97
C LEU A 247 -2.84 -0.59 -21.42
N LYS A 248 -2.24 -1.36 -22.32
CA LYS A 248 -2.22 -0.97 -23.72
C LYS A 248 -3.63 -0.91 -24.29
N ASP A 249 -4.50 -1.83 -23.85
CA ASP A 249 -5.88 -1.85 -24.28
C ASP A 249 -6.60 -0.60 -23.82
N LEU A 250 -6.40 -0.24 -22.56
CA LEU A 250 -6.96 0.99 -21.99
C LEU A 250 -6.55 2.18 -22.83
N GLU A 251 -5.25 2.25 -23.10
CA GLU A 251 -4.67 3.40 -23.78
C GLU A 251 -5.18 3.58 -25.22
N LYS A 252 -5.68 2.51 -25.83
CA LYS A 252 -6.25 2.57 -27.18
C LYS A 252 -7.76 2.84 -27.19
N ASN A 253 -8.38 2.89 -26.01
CA ASN A 253 -9.83 3.07 -25.90
C ASN A 253 -10.20 4.55 -26.15
N PRO A 254 -11.19 4.82 -27.04
CA PRO A 254 -11.60 6.20 -27.32
C PRO A 254 -12.03 7.00 -26.08
N ILE A 255 -12.58 6.30 -25.10
CA ILE A 255 -13.08 6.97 -23.91
C ILE A 255 -11.91 7.36 -23.00
N TRP A 256 -10.92 6.48 -22.86
CA TRP A 256 -9.67 6.82 -22.17
C TRP A 256 -8.98 7.98 -22.89
N LYS A 257 -8.96 7.92 -24.21
CA LYS A 257 -8.29 8.96 -24.99
C LYS A 257 -8.96 10.33 -24.89
N SER A 258 -10.19 10.35 -24.40
CA SER A 258 -10.94 11.60 -24.23
C SER A 258 -10.58 12.31 -22.91
N LEU A 259 -9.87 11.63 -22.02
CA LEU A 259 -9.54 12.17 -20.70
C LEU A 259 -8.57 13.35 -20.81
N LYS A 260 -8.88 14.42 -20.08
CA LYS A 260 -8.00 15.59 -19.99
C LYS A 260 -6.58 15.17 -19.64
N ALA A 261 -6.44 14.33 -18.63
CA ALA A 261 -5.10 13.88 -18.21
C ALA A 261 -4.35 13.19 -19.37
N VAL A 262 -5.05 12.38 -20.14
CA VAL A 262 -4.42 11.62 -21.22
C VAL A 262 -3.97 12.54 -22.35
N LYS A 263 -4.82 13.49 -22.71
CA LYS A 263 -4.47 14.44 -23.76
C LYS A 263 -3.35 15.39 -23.34
N GLU A 264 -3.25 15.72 -22.05
CA GLU A 264 -2.23 16.63 -21.56
C GLU A 264 -0.91 15.91 -21.19
N ASP A 265 -0.86 14.60 -21.39
CA ASP A 265 0.34 13.79 -21.07
C ASP A 265 0.60 13.84 -19.56
N HIS A 266 -0.48 13.75 -18.80
CA HIS A 266 -0.42 13.78 -17.35
C HIS A 266 -0.90 12.45 -16.75
N VAL A 267 -0.48 11.35 -17.38
CA VAL A 267 -0.73 10.01 -16.89
C VAL A 267 0.61 9.42 -16.48
N TYR A 268 0.71 8.99 -15.23
CA TYR A 268 1.98 8.54 -14.68
C TYR A 268 1.84 7.09 -14.26
N VAL A 269 2.46 6.21 -15.05
CA VAL A 269 2.32 4.78 -14.85
C VAL A 269 3.43 4.27 -13.94
N ASN A 270 3.06 3.66 -12.82
CA ASN A 270 4.01 3.03 -11.91
C ASN A 270 5.14 3.97 -11.51
N SER A 271 4.75 5.17 -11.09
CA SER A 271 5.68 6.16 -10.55
C SER A 271 6.22 5.69 -9.19
N VAL A 272 5.50 4.78 -8.55
CA VAL A 272 5.96 4.00 -7.40
C VAL A 272 5.78 2.54 -7.81
N ASP A 273 6.60 1.63 -7.27
CA ASP A 273 6.46 0.21 -7.64
C ASP A 273 5.00 -0.21 -7.48
N PRO A 274 4.46 -0.94 -8.47
CA PRO A 274 3.02 -1.22 -8.39
C PRO A 274 2.56 -2.15 -7.27
N LEU A 275 3.49 -2.79 -6.56
CA LEU A 275 3.13 -3.60 -5.41
C LEU A 275 3.11 -2.77 -4.12
N ALA A 276 3.41 -1.48 -4.23
CA ALA A 276 3.39 -0.59 -3.04
C ALA A 276 1.98 -0.40 -2.54
N GLN A 277 1.77 -0.45 -1.23
CA GLN A 277 0.42 -0.44 -0.66
C GLN A 277 -0.15 0.93 -0.30
N GLY A 278 0.70 1.93 -0.22
CA GLY A 278 0.24 3.29 0.01
C GLY A 278 0.29 3.76 1.45
N GLY A 279 -0.19 2.93 2.37
CA GLY A 279 -0.34 3.32 3.78
C GLY A 279 0.81 2.91 4.68
N THR A 280 2.03 3.19 4.22
CA THR A 280 3.24 2.83 4.96
C THR A 280 4.20 3.99 4.84
N ALA A 281 5.11 4.12 5.80
CA ALA A 281 6.18 5.14 5.69
C ALA A 281 6.84 5.09 4.31
N TRP A 282 7.23 3.89 3.93
CA TRP A 282 7.98 3.73 2.69
C TRP A 282 7.15 4.11 1.48
N SER A 283 5.89 3.68 1.46
CA SER A 283 4.99 4.08 0.36
C SER A 283 4.80 5.58 0.28
N LYS A 284 4.60 6.20 1.45
CA LYS A 284 4.32 7.61 1.51
C LYS A 284 5.52 8.41 1.07
N VAL A 285 6.71 8.05 1.52
N VAL A 285 6.71 8.05 1.54
CA VAL A 285 7.89 8.84 1.12
CA VAL A 285 7.93 8.79 1.13
C VAL A 285 8.14 8.72 -0.40
C VAL A 285 8.12 8.71 -0.40
N ARG A 286 7.91 7.53 -0.96
CA ARG A 286 8.04 7.31 -2.40
C ARG A 286 6.98 8.07 -3.18
N PHE A 287 5.74 8.01 -2.70
CA PHE A 287 4.67 8.70 -3.39
C PHE A 287 4.78 10.21 -3.26
N LEU A 288 5.22 10.70 -2.09
CA LEU A 288 5.46 12.12 -1.91
C LEU A 288 6.42 12.64 -2.99
N LYS A 289 7.52 11.94 -3.20
CA LYS A 289 8.51 12.38 -4.17
C LYS A 289 8.00 12.23 -5.59
N ALA A 290 7.29 11.13 -5.88
CA ALA A 290 6.82 10.88 -7.25
C ALA A 290 5.78 11.93 -7.64
N ALA A 291 4.84 12.17 -6.74
CA ALA A 291 3.80 13.18 -6.96
C ALA A 291 4.42 14.56 -7.13
N ALA A 292 5.41 14.88 -6.30
CA ALA A 292 6.13 16.15 -6.44
C ALA A 292 6.73 16.31 -7.84
N GLU A 293 7.41 15.27 -8.31
CA GLU A 293 8.05 15.28 -9.63
C GLU A 293 7.02 15.38 -10.74
N LYS A 294 5.96 14.59 -10.63
CA LYS A 294 5.01 14.47 -11.72
C LYS A 294 4.10 15.69 -11.82
N LEU A 295 3.58 16.16 -10.69
CA LEU A 295 2.72 17.35 -10.67
C LEU A 295 3.45 18.62 -11.12
N THR A 296 4.76 18.70 -10.85
CA THR A 296 5.57 19.85 -11.27
C THR A 296 6.31 19.59 -12.58
N GLN A 297 6.24 18.35 -13.07
CA GLN A 297 6.86 17.96 -14.32
C GLN A 297 8.34 18.35 -14.35
N ASN A 298 9.02 18.11 -13.23
CA ASN A 298 10.43 18.46 -13.10
C ASN A 298 11.08 17.66 -11.97
N LYS A 299 12.14 16.91 -12.30
CA LYS A 299 12.79 16.01 -11.33
C LYS A 299 13.39 16.71 -10.12
N LEU A 300 13.65 18.01 -10.24
CA LEU A 300 14.21 18.79 -9.12
C LEU A 300 13.37 18.70 -7.83
N ALA A 301 12.06 18.53 -7.97
CA ALA A 301 11.16 18.43 -6.81
C ALA A 301 11.40 17.17 -5.97
O17 DBH B 1 -8.31 -11.80 1.50
C21 DBH B 1 -8.24 -10.65 0.64
C18 DBH B 1 -6.99 -9.84 0.94
C15 DBH B 1 -6.09 -10.24 1.94
C12 DBH B 1 -4.94 -9.52 2.18
C3 DBH B 1 -6.71 -8.70 0.20
O3 DBH B 1 -7.54 -8.25 -0.79
C6 DBH B 1 -5.56 -7.98 0.43
C9 DBH B 1 -4.68 -8.39 1.43
O6 DBH B 1 -5.33 -6.88 -0.34
N GLY B 2 -8.79 -10.56 -0.23
CA GLY B 2 -9.76 -11.38 -0.94
C GLY B 2 -11.21 -11.44 -0.46
N THR B 3 -11.66 -10.38 0.17
CA THR B 3 -13.07 -10.31 0.49
C THR B 3 -13.86 -10.19 -0.78
O17 DBH B 4 -10.62 -2.55 1.06
C21 DBH B 4 -9.85 -3.66 0.62
C18 DBH B 4 -8.59 -3.18 -0.09
C15 DBH B 4 -8.18 -1.86 -0.02
C12 DBH B 4 -7.00 -1.46 -0.65
C3 DBH B 4 -7.83 -4.12 -0.76
O3 DBH B 4 -8.17 -5.44 -0.87
C6 DBH B 4 -6.66 -3.72 -1.39
C9 DBH B 4 -6.23 -2.40 -1.32
O6 DBH B 4 -5.96 -4.68 -2.05
N GLY B 5 -10.00 -4.43 0.95
CA GLY B 5 -10.84 -4.89 2.04
C GLY B 5 -12.34 -5.11 1.79
N THR B 6 -12.68 -5.34 0.54
CA THR B 6 -14.02 -5.80 0.23
C THR B 6 -14.18 -7.24 0.66
O17 DBH B 7 -9.90 -7.60 -7.19
C21 DBH B 7 -9.49 -7.31 -5.86
C18 DBH B 7 -8.02 -7.59 -5.65
C15 DBH B 7 -7.23 -8.09 -6.69
C12 DBH B 7 -5.88 -8.34 -6.53
C3 DBH B 7 -7.43 -7.31 -4.42
O3 DBH B 7 -8.11 -6.82 -3.34
C6 DBH B 7 -6.08 -7.55 -4.28
C9 DBH B 7 -5.30 -8.06 -5.31
O6 DBH B 7 -5.52 -7.30 -3.08
N GLY B 8 -10.09 -6.88 -5.35
CA GLY B 8 -11.31 -6.10 -5.33
C GLY B 8 -12.67 -6.67 -4.85
N THR B 9 -12.61 -7.73 -4.07
CA THR B 9 -13.85 -8.28 -3.57
C THR B 9 -14.51 -7.33 -2.59
CL CL C . -15.73 15.04 -9.35
CL CL D . -4.65 -14.15 18.10
CL CL E . 4.91 -5.59 -12.61
CL CL F . -1.62 10.71 7.21
CL CL G . 13.01 10.85 4.73
CL CL H . -15.08 0.54 -18.14
CL CL I . 3.77 -19.30 -8.73
CL CL J . -13.47 -3.70 -18.66
CL CL K . 4.16 -1.40 -17.25
CL CL L . -20.31 10.71 0.36
CL CL M . -7.48 -20.45 3.93
FE FE N . -6.84 -6.54 -1.71
#